data_3H23
#
_entry.id   3H23
#
_cell.length_a   96.793
_cell.length_b   96.793
_cell.length_c   263.593
_cell.angle_alpha   90.00
_cell.angle_beta   90.00
_cell.angle_gamma   120.00
#
_symmetry.space_group_name_H-M   'P 62 2 2'
#
loop_
_entity.id
_entity.type
_entity.pdbx_description
1 polymer 'Dihydropteroate synthase'
2 non-polymer '4-{3-[(2-amino-5-nitroso-6-oxo-1,6-dihydropyrimidin-4-yl)amino]propoxy}benzoic acid'
3 non-polymer 'SULFATE ION'
4 water water
#
_entity_poly.entity_id   1
_entity_poly.type   'polypeptide(L)'
_entity_poly.pdbx_seq_one_letter_code
;MGSSHHHHHHSSGLVPRGSHMKWDYDLRCGEYTLNLNEKTLIMGILNVTPDSFSDGGSYNEVDAAVRHAKEMRDEGAHII
DIGGESTRPGFAKVSVEEEIKRVVPMIQAVSKEVKLPISIDTYKAEVAKQAIEAGAHIINDIWGAKAEPKIAEVAAHYDV
PIILMHNRDNMNYRNLMADMIADLYDSIKIAKDAGVRDENIILDPGIGFAKTPEQNLEAMRNLEQLNVLGYPVLLGTSRK
SFIGHVLDLPVEERLEGTGATVCLGIEKGCEFVRVHDVKEMSRMAKMMDAMIGKGVK
;
_entity_poly.pdbx_strand_id   A,B
#
loop_
_chem_comp.id
_chem_comp.type
_chem_comp.name
_chem_comp.formula
B54 non-polymer '4-{3-[(2-amino-5-nitroso-6-oxo-1,6-dihydropyrimidin-4-yl)amino]propoxy}benzoic acid' 'C14 H15 N5 O5'
SO4 non-polymer 'SULFATE ION' 'O4 S -2'
#
# COMPACT_ATOMS: atom_id res chain seq x y z
N LYS A 22 -9.61 -6.04 40.48
CA LYS A 22 -8.84 -4.74 40.52
C LYS A 22 -9.74 -3.78 39.76
N TRP A 23 -9.53 -3.61 38.45
CA TRP A 23 -10.19 -2.51 37.71
C TRP A 23 -11.72 -2.63 37.60
N ASP A 24 -12.42 -1.59 38.04
CA ASP A 24 -13.87 -1.55 38.02
C ASP A 24 -14.47 -0.88 36.76
N TYR A 25 -13.64 -0.76 35.73
CA TYR A 25 -14.03 -0.19 34.42
C TYR A 25 -13.08 -0.76 33.36
N ASP A 26 -13.47 -0.59 32.09
CA ASP A 26 -12.69 -0.96 30.91
C ASP A 26 -12.13 0.29 30.23
N LEU A 27 -11.03 0.17 29.51
CA LEU A 27 -10.49 1.28 28.77
C LEU A 27 -11.37 1.43 27.53
N ARG A 28 -12.12 2.52 27.49
CA ARG A 28 -12.99 2.76 26.34
C ARG A 28 -12.24 3.42 25.19
N CYS A 29 -12.19 2.70 24.06
CA CYS A 29 -11.43 3.13 22.88
C CYS A 29 -12.31 3.25 21.64
N GLY A 30 -13.32 4.10 21.76
CA GLY A 30 -14.29 4.35 20.70
C GLY A 30 -14.97 3.07 20.29
N GLU A 31 -14.51 2.52 19.16
CA GLU A 31 -14.98 1.24 18.64
C GLU A 31 -14.58 0.01 19.45
N TYR A 32 -13.46 0.10 20.16
CA TYR A 32 -12.90 -1.03 20.86
C TYR A 32 -12.97 -0.82 22.36
N THR A 33 -13.11 -1.90 23.10
CA THR A 33 -12.99 -1.85 24.55
C THR A 33 -11.80 -2.71 24.94
N LEU A 34 -11.00 -2.24 25.89
CA LEU A 34 -9.92 -3.04 26.44
C LEU A 34 -10.19 -3.39 27.92
N ASN A 35 -10.34 -4.68 28.22
CA ASN A 35 -10.54 -5.14 29.58
C ASN A 35 -9.16 -5.27 30.24
N LEU A 36 -8.99 -4.61 31.38
CA LEU A 36 -7.71 -4.56 32.09
C LEU A 36 -7.52 -5.65 33.10
N ASN A 37 -8.54 -6.48 33.29
CA ASN A 37 -8.51 -7.55 34.30
C ASN A 37 -8.16 -8.94 33.75
N GLU A 38 -8.37 -9.12 32.48
CA GLU A 38 -8.36 -10.40 31.77
C GLU A 38 -6.91 -10.79 31.37
N LYS A 39 -6.16 -9.81 30.90
CA LYS A 39 -4.88 -10.08 30.31
C LYS A 39 -4.04 -8.80 30.34
N THR A 40 -2.74 -8.97 30.34
CA THR A 40 -1.81 -7.90 30.02
C THR A 40 -1.96 -7.57 28.55
N LEU A 41 -2.04 -6.28 28.24
CA LEU A 41 -2.26 -5.83 26.91
C LEU A 41 -0.93 -5.54 26.25
N ILE A 42 -0.76 -6.16 25.11
CA ILE A 42 0.38 -5.96 24.24
C ILE A 42 0.16 -4.76 23.35
N MET A 43 1.00 -3.74 23.48
CA MET A 43 1.08 -2.68 22.47
C MET A 43 2.28 -2.87 21.50
N GLY A 44 2.01 -2.96 20.20
CA GLY A 44 3.10 -3.28 19.29
C GLY A 44 3.75 -2.04 18.73
N ILE A 45 5.07 -1.99 18.62
CA ILE A 45 5.71 -0.76 18.16
C ILE A 45 5.76 -0.82 16.64
N LEU A 46 5.08 0.13 16.02
CA LEU A 46 5.11 0.25 14.56
C LEU A 46 6.43 0.71 14.00
N ASN A 47 7.00 -0.16 13.17
CA ASN A 47 8.19 0.17 12.41
C ASN A 47 7.86 1.11 11.21
N VAL A 48 8.32 2.36 11.31
CA VAL A 48 8.09 3.42 10.30
C VAL A 48 9.38 3.61 9.48
N THR A 49 9.40 3.17 8.23
CA THR A 49 10.52 3.44 7.33
C THR A 49 10.13 4.49 6.27
N PRO A 50 10.60 5.75 6.43
CA PRO A 50 10.18 6.84 5.55
C PRO A 50 10.78 6.72 4.16
N ASP A 51 9.98 7.09 3.16
CA ASP A 51 10.38 7.15 1.77
C ASP A 51 11.29 8.33 1.60
N SER A 52 12.49 8.06 1.11
CA SER A 52 13.46 9.11 0.85
C SER A 52 12.90 10.23 -0.03
N PHE A 53 11.92 9.89 -0.88
CA PHE A 53 11.45 10.83 -1.89
C PHE A 53 10.17 11.65 -1.65
N SER A 54 9.47 11.42 -0.53
CA SER A 54 8.29 12.23 -0.22
C SER A 54 8.29 12.65 1.24
N ASP A 55 7.44 13.61 1.59
CA ASP A 55 7.20 13.93 3.02
C ASP A 55 6.08 13.16 3.73
N GLY A 56 5.44 12.22 3.03
CA GLY A 56 4.46 11.36 3.65
C GLY A 56 3.43 10.84 2.66
N GLY A 57 2.83 9.71 3.04
CA GLY A 57 1.72 9.18 2.28
C GLY A 57 2.05 8.46 0.99
N SER A 58 3.33 8.14 0.74
CA SER A 58 3.69 7.40 -0.44
C SER A 58 3.42 5.93 -0.22
N TYR A 59 3.25 5.20 -1.31
CA TYR A 59 2.84 3.80 -1.29
C TYR A 59 3.75 2.88 -0.51
N ASN A 60 5.08 2.93 -0.80
CA ASN A 60 6.00 1.99 -0.16
C ASN A 60 5.98 2.05 1.34
N GLU A 61 5.99 3.26 1.88
CA GLU A 61 6.12 3.43 3.31
C GLU A 61 4.81 3.20 4.06
N VAL A 62 3.68 3.54 3.44
CA VAL A 62 2.35 3.26 4.02
C VAL A 62 2.06 1.76 3.91
N ASP A 63 2.37 1.14 2.76
CA ASP A 63 2.23 -0.31 2.68
C ASP A 63 3.12 -1.09 3.65
N ALA A 64 4.35 -0.63 3.89
CA ALA A 64 5.24 -1.28 4.90
C ALA A 64 4.55 -1.24 6.23
N ALA A 65 3.93 -0.10 6.55
CA ALA A 65 3.27 0.14 7.85
C ALA A 65 2.03 -0.69 8.04
N VAL A 66 1.28 -0.87 6.98
CA VAL A 66 0.07 -1.63 7.06
C VAL A 66 0.41 -3.11 7.23
N ARG A 67 1.38 -3.66 6.47
CA ARG A 67 1.76 -5.07 6.54
C ARG A 67 2.40 -5.36 7.90
N HIS A 68 3.12 -4.42 8.48
CA HIS A 68 3.77 -4.64 9.77
C HIS A 68 2.71 -4.73 10.88
N ALA A 69 1.67 -3.88 10.79
CA ALA A 69 0.53 -3.88 11.71
C ALA A 69 -0.26 -5.17 11.65
N LYS A 70 -0.54 -5.68 10.45
CA LYS A 70 -1.19 -6.98 10.32
C LYS A 70 -0.34 -8.12 10.87
N GLU A 71 0.95 -8.13 10.59
CA GLU A 71 1.84 -9.08 11.27
C GLU A 71 1.65 -8.98 12.79
N MET A 72 1.62 -7.78 13.36
CA MET A 72 1.56 -7.65 14.80
C MET A 72 0.23 -8.03 15.38
N ARG A 73 -0.84 -7.64 14.68
CA ARG A 73 -2.17 -8.15 14.96
C ARG A 73 -2.17 -9.67 14.96
N ASP A 74 -1.70 -10.33 13.88
CA ASP A 74 -1.64 -11.80 13.86
C ASP A 74 -0.77 -12.48 14.95
N GLU A 75 0.18 -11.73 15.54
CA GLU A 75 1.12 -12.28 16.51
C GLU A 75 0.63 -12.05 17.91
N GLY A 76 -0.44 -11.27 18.04
CA GLY A 76 -1.08 -11.06 19.33
C GLY A 76 -1.24 -9.66 19.90
N ALA A 77 -0.94 -8.62 19.11
CA ALA A 77 -0.98 -7.25 19.62
C ALA A 77 -2.40 -6.80 19.83
N HIS A 78 -2.61 -5.93 20.85
CA HIS A 78 -3.94 -5.40 21.16
C HIS A 78 -4.11 -3.93 20.80
N ILE A 79 -2.99 -3.22 20.69
CA ILE A 79 -2.96 -1.81 20.36
C ILE A 79 -1.78 -1.68 19.40
N ILE A 80 -1.90 -0.83 18.36
CA ILE A 80 -0.76 -0.51 17.49
C ILE A 80 -0.27 0.90 17.85
N ASP A 81 1.04 1.06 18.12
CA ASP A 81 1.64 2.38 18.43
C ASP A 81 2.42 2.91 17.21
N ILE A 82 2.08 4.14 16.83
CA ILE A 82 2.59 4.76 15.60
C ILE A 82 3.15 6.14 15.94
N GLY A 83 4.42 6.40 15.63
CA GLY A 83 5.09 7.67 15.94
C GLY A 83 5.52 8.49 14.74
N GLY A 84 5.65 9.82 14.91
CA GLY A 84 6.18 10.66 13.84
C GLY A 84 7.65 10.91 14.14
N GLU A 85 8.37 11.53 13.20
CA GLU A 85 9.82 11.77 13.35
C GLU A 85 10.39 12.44 14.59
N SER A 86 9.60 13.34 15.23
CA SER A 86 10.01 14.14 16.41
C SER A 86 10.30 13.35 17.71
N THR A 87 9.70 12.16 17.81
CA THR A 87 9.80 11.30 19.00
C THR A 87 10.57 10.00 18.73
N ARG A 88 10.68 9.61 17.46
CA ARG A 88 11.34 8.36 17.08
C ARG A 88 12.86 8.61 17.02
N PRO A 89 13.68 7.77 17.73
CA PRO A 89 15.11 8.00 18.09
C PRO A 89 16.00 8.89 17.15
N GLY A 90 16.74 8.27 16.23
CA GLY A 90 17.86 8.94 15.56
C GLY A 90 17.53 10.06 14.56
N PHE A 91 16.33 10.62 14.66
CA PHE A 91 15.94 11.69 13.76
C PHE A 91 16.11 13.07 14.43
N ALA A 92 16.33 14.10 13.62
CA ALA A 92 16.28 15.49 14.08
C ALA A 92 14.86 15.82 14.55
N LYS A 93 14.69 16.99 15.17
CA LYS A 93 13.35 17.52 15.42
C LYS A 93 12.69 17.82 14.08
N VAL A 94 11.38 17.66 14.04
CA VAL A 94 10.61 17.91 12.85
C VAL A 94 9.48 18.86 13.20
N SER A 95 9.07 19.63 12.20
CA SER A 95 7.95 20.56 12.31
C SER A 95 6.64 19.86 12.71
N VAL A 96 5.66 20.63 13.15
CA VAL A 96 4.30 20.08 13.25
C VAL A 96 3.71 19.75 11.86
N GLU A 97 3.83 20.67 10.89
CA GLU A 97 3.29 20.42 9.56
C GLU A 97 3.88 19.14 8.96
N GLU A 98 5.21 19.01 9.01
CA GLU A 98 5.95 17.80 8.65
C GLU A 98 5.52 16.49 9.35
N GLU A 99 5.31 16.53 10.68
CA GLU A 99 5.01 15.31 11.43
C GLU A 99 3.63 14.79 11.02
N ILE A 100 2.73 15.72 10.64
CA ILE A 100 1.32 15.41 10.25
C ILE A 100 1.19 14.74 8.89
N LYS A 101 1.90 15.21 7.88
CA LYS A 101 2.02 14.55 6.57
C LYS A 101 2.54 13.10 6.64
N ARG A 102 3.58 12.84 7.46
CA ARG A 102 4.11 11.47 7.68
C ARG A 102 3.06 10.60 8.31
N VAL A 103 2.67 10.99 9.51
CA VAL A 103 1.91 10.14 10.40
C VAL A 103 0.40 9.96 10.01
N VAL A 104 -0.27 11.02 9.56
CA VAL A 104 -1.71 10.94 9.27
C VAL A 104 -2.10 9.96 8.14
N PRO A 105 -1.42 9.99 6.97
CA PRO A 105 -1.61 8.84 6.04
C PRO A 105 -1.40 7.43 6.65
N MET A 106 -0.52 7.28 7.63
CA MET A 106 -0.28 5.96 8.22
C MET A 106 -1.41 5.54 9.14
N ILE A 107 -1.86 6.47 9.96
CA ILE A 107 -3.05 6.29 10.76
C ILE A 107 -4.27 5.91 9.92
N GLN A 108 -4.59 6.69 8.87
CA GLN A 108 -5.73 6.38 8.02
C GLN A 108 -5.68 4.97 7.47
N ALA A 109 -4.54 4.57 6.90
CA ALA A 109 -4.42 3.25 6.34
C ALA A 109 -4.49 2.13 7.38
N VAL A 110 -3.75 2.24 8.50
CA VAL A 110 -3.66 1.17 9.48
C VAL A 110 -5.04 1.05 10.12
N SER A 111 -5.64 2.20 10.47
CA SER A 111 -6.96 2.26 11.11
C SER A 111 -8.07 1.57 10.32
N LYS A 112 -8.29 1.95 9.05
CA LYS A 112 -9.18 1.20 8.14
C LYS A 112 -8.85 -0.27 7.93
N GLU A 113 -7.57 -0.58 7.88
CA GLU A 113 -7.17 -1.92 7.44
C GLU A 113 -6.91 -2.90 8.58
N VAL A 114 -6.54 -2.38 9.76
CA VAL A 114 -6.30 -3.22 10.91
C VAL A 114 -7.27 -2.91 12.05
N LYS A 115 -7.99 -3.94 12.47
CA LYS A 115 -9.09 -3.79 13.48
C LYS A 115 -8.64 -3.86 14.93
N LEU A 116 -7.89 -2.84 15.33
CA LEU A 116 -7.35 -2.73 16.71
C LEU A 116 -7.29 -1.24 17.06
N PRO A 117 -7.42 -0.85 18.33
CA PRO A 117 -7.07 0.55 18.60
C PRO A 117 -5.61 0.96 18.24
N ILE A 118 -5.45 2.24 17.93
CA ILE A 118 -4.22 2.81 17.56
C ILE A 118 -3.90 3.84 18.59
N SER A 119 -2.66 3.82 19.05
CA SER A 119 -2.19 4.95 19.81
C SER A 119 -1.25 5.79 18.93
N ILE A 120 -1.34 7.13 19.03
CA ILE A 120 -0.47 8.09 18.33
C ILE A 120 0.56 8.53 19.35
N ASP A 121 1.84 8.21 19.10
CA ASP A 121 2.96 8.64 19.93
C ASP A 121 3.48 10.02 19.52
N THR A 122 3.14 11.03 20.33
CA THR A 122 3.47 12.42 20.04
C THR A 122 3.40 13.17 21.35
N TYR A 123 4.22 14.21 21.48
CA TYR A 123 4.04 15.15 22.60
C TYR A 123 3.49 16.52 22.16
N LYS A 124 3.09 16.66 20.91
CA LYS A 124 2.65 17.96 20.36
C LYS A 124 1.15 17.93 20.18
N ALA A 125 0.46 18.96 20.71
CA ALA A 125 -1.01 18.97 20.75
C ALA A 125 -1.69 19.04 19.38
N GLU A 126 -1.08 19.73 18.42
CA GLU A 126 -1.66 19.77 17.05
C GLU A 126 -1.56 18.41 16.34
N VAL A 127 -0.41 17.76 16.47
CA VAL A 127 -0.21 16.38 15.96
C VAL A 127 -1.14 15.33 16.60
N ALA A 128 -1.38 15.42 17.89
CA ALA A 128 -2.35 14.52 18.54
C ALA A 128 -3.79 14.68 18.00
N LYS A 129 -4.25 15.93 17.88
CA LYS A 129 -5.55 16.26 17.34
C LYS A 129 -5.80 15.71 15.94
N GLN A 130 -4.88 15.99 15.01
CA GLN A 130 -4.93 15.46 13.67
C GLN A 130 -4.89 13.95 13.62
N ALA A 131 -4.09 13.31 14.49
CA ALA A 131 -3.98 11.87 14.47
C ALA A 131 -5.30 11.21 14.86
N ILE A 132 -5.95 11.77 15.87
CA ILE A 132 -7.29 11.32 16.33
C ILE A 132 -8.42 11.47 15.26
N GLU A 133 -8.48 12.66 14.67
CA GLU A 133 -9.34 12.91 13.52
C GLU A 133 -9.10 11.91 12.36
N ALA A 134 -7.86 11.51 12.14
CA ALA A 134 -7.57 10.50 11.15
C ALA A 134 -7.65 9.05 11.68
N GLY A 135 -8.05 8.85 12.92
CA GLY A 135 -8.55 7.52 13.32
C GLY A 135 -7.84 6.87 14.51
N ALA A 136 -7.02 7.62 15.25
CA ALA A 136 -6.30 7.14 16.45
C ALA A 136 -7.14 7.10 17.71
N HIS A 137 -6.87 6.20 18.67
CA HIS A 137 -7.74 6.04 19.83
C HIS A 137 -7.15 6.43 21.13
N ILE A 138 -5.84 6.38 21.22
CA ILE A 138 -5.11 6.57 22.46
C ILE A 138 -4.07 7.61 22.11
N ILE A 139 -3.73 8.49 23.03
CA ILE A 139 -2.56 9.39 22.88
C ILE A 139 -1.41 8.93 23.78
N ASN A 140 -0.22 8.78 23.20
CA ASN A 140 0.98 8.39 23.88
C ASN A 140 2.00 9.55 24.00
N ASP A 141 2.03 10.20 25.15
CA ASP A 141 2.87 11.37 25.34
C ASP A 141 4.15 11.11 26.18
N ILE A 142 5.31 11.07 25.53
CA ILE A 142 6.59 10.98 26.26
C ILE A 142 6.97 12.16 27.17
N TRP A 143 6.24 13.27 27.08
CA TRP A 143 6.47 14.38 28.03
C TRP A 143 5.40 14.55 29.05
N GLY A 144 4.38 13.70 29.03
CA GLY A 144 3.37 13.64 30.07
C GLY A 144 2.60 14.94 30.19
N ALA A 145 2.29 15.53 29.03
CA ALA A 145 1.52 16.78 28.97
C ALA A 145 2.32 17.99 29.44
N LYS A 146 3.63 17.82 29.62
CA LYS A 146 4.47 18.91 30.09
C LYS A 146 5.11 19.69 28.95
N ALA A 147 5.30 19.07 27.79
CA ALA A 147 5.85 19.77 26.63
C ALA A 147 4.86 20.79 26.09
N GLU A 148 3.63 20.33 25.84
CA GLU A 148 2.54 21.14 25.40
C GLU A 148 1.34 20.73 26.23
N PRO A 149 1.08 21.46 27.34
CA PRO A 149 -0.11 21.18 28.15
C PRO A 149 -1.45 21.09 27.35
N LYS A 150 -1.49 21.78 26.20
CA LYS A 150 -2.66 21.81 25.34
C LYS A 150 -3.12 20.44 24.81
N ILE A 151 -2.21 19.45 24.79
CA ILE A 151 -2.50 18.03 24.48
C ILE A 151 -3.49 17.35 25.47
N ALA A 152 -3.49 17.80 26.70
CA ALA A 152 -4.41 17.24 27.65
C ALA A 152 -5.82 17.76 27.33
N GLU A 153 -5.90 18.93 26.70
CA GLU A 153 -7.18 19.51 26.19
C GLU A 153 -7.70 18.78 24.97
N VAL A 154 -6.78 18.32 24.12
CA VAL A 154 -7.14 17.45 23.02
C VAL A 154 -7.69 16.12 23.56
N ALA A 155 -6.98 15.51 24.50
CA ALA A 155 -7.45 14.30 25.16
C ALA A 155 -8.88 14.49 25.72
N ALA A 156 -9.06 15.48 26.59
CA ALA A 156 -10.35 15.65 27.26
C ALA A 156 -11.48 15.84 26.24
N HIS A 157 -11.19 16.50 25.12
CA HIS A 157 -12.23 16.84 24.16
C HIS A 157 -12.69 15.61 23.38
N TYR A 158 -11.70 14.91 22.82
CA TYR A 158 -11.96 13.69 22.10
C TYR A 158 -12.33 12.59 23.06
N ASP A 159 -12.17 12.87 24.35
CA ASP A 159 -12.44 11.89 25.36
C ASP A 159 -11.68 10.56 25.12
N VAL A 160 -10.40 10.65 24.74
CA VAL A 160 -9.57 9.46 24.48
C VAL A 160 -8.57 9.16 25.61
N PRO A 161 -8.24 7.87 25.83
CA PRO A 161 -7.17 7.59 26.78
C PRO A 161 -5.85 8.32 26.45
N ILE A 162 -5.09 8.70 27.48
CA ILE A 162 -3.80 9.40 27.33
C ILE A 162 -2.76 8.77 28.24
N ILE A 163 -1.66 8.33 27.65
CA ILE A 163 -0.55 7.79 28.39
C ILE A 163 0.37 8.93 28.79
N LEU A 164 0.57 9.09 30.12
CA LEU A 164 1.43 10.14 30.69
C LEU A 164 2.71 9.49 31.15
N MET A 165 3.73 9.61 30.31
CA MET A 165 5.01 8.96 30.63
C MET A 165 5.82 9.90 31.50
N HIS A 166 6.56 9.32 32.45
CA HIS A 166 7.55 10.03 33.25
C HIS A 166 8.75 10.46 32.40
N ASN A 167 9.17 11.71 32.58
CA ASN A 167 10.28 12.29 31.81
C ASN A 167 10.59 13.58 32.57
N ARG A 168 11.82 14.04 32.43
CA ARG A 168 12.27 15.30 32.98
C ARG A 168 13.52 15.74 32.23
N ASP A 169 13.88 16.99 32.42
CA ASP A 169 15.00 17.58 31.73
C ASP A 169 16.27 17.58 32.58
N ASN A 170 16.37 16.66 33.55
CA ASN A 170 17.60 16.47 34.34
C ASN A 170 17.61 15.08 34.98
N MET A 171 18.74 14.67 35.54
CA MET A 171 18.85 13.40 36.27
C MET A 171 19.30 13.61 37.72
N ASN A 172 18.99 14.80 38.26
CA ASN A 172 19.24 15.10 39.65
C ASN A 172 18.10 14.65 40.55
N TYR A 173 18.07 13.37 40.85
CA TYR A 173 17.04 12.85 41.73
C TYR A 173 17.46 12.93 43.18
N ARG A 174 16.53 13.26 44.06
CA ARG A 174 16.76 13.18 45.50
C ARG A 174 16.50 11.75 45.94
N ASN A 175 15.43 11.15 45.42
CA ASN A 175 15.06 9.77 45.68
C ASN A 175 14.31 9.35 44.42
N LEU A 176 15.00 8.62 43.56
CA LEU A 176 14.46 8.24 42.26
C LEU A 176 12.93 8.01 42.21
N MET A 177 12.43 7.03 42.96
CA MET A 177 11.00 6.69 42.86
C MET A 177 10.01 7.69 43.44
N ALA A 178 10.41 8.31 44.55
CA ALA A 178 9.61 9.35 45.20
C ALA A 178 9.45 10.49 44.22
N ASP A 179 10.53 10.79 43.49
CA ASP A 179 10.54 11.90 42.55
C ASP A 179 9.76 11.56 41.32
N MET A 180 9.84 10.31 40.84
CA MET A 180 9.08 9.90 39.70
C MET A 180 7.58 10.00 39.93
N ILE A 181 7.14 9.52 41.08
CA ILE A 181 5.76 9.59 41.52
C ILE A 181 5.31 11.06 41.60
N ALA A 182 6.09 11.93 42.25
CA ALA A 182 5.82 13.38 42.22
C ALA A 182 5.76 13.96 40.83
N ASP A 183 6.66 13.58 39.93
CA ASP A 183 6.64 14.12 38.57
C ASP A 183 5.37 13.60 37.80
N LEU A 184 4.96 12.37 38.10
CA LEU A 184 3.76 11.74 37.46
C LEU A 184 2.53 12.45 37.97
N TYR A 185 2.50 12.79 39.26
CA TYR A 185 1.35 13.55 39.76
CA TYR A 185 1.37 13.57 39.79
C TYR A 185 1.21 14.95 39.15
N ASP A 186 2.33 15.67 39.01
CA ASP A 186 2.35 16.94 38.22
C ASP A 186 1.74 16.75 36.82
N SER A 187 1.99 15.60 36.19
CA SER A 187 1.38 15.29 34.89
C SER A 187 -0.12 15.07 35.06
N ILE A 188 -0.48 14.24 36.03
CA ILE A 188 -1.89 13.91 36.29
C ILE A 188 -2.70 15.16 36.59
N LYS A 189 -2.10 16.09 37.34
CA LYS A 189 -2.72 17.36 37.69
C LYS A 189 -2.96 18.22 36.44
N ILE A 190 -2.05 18.17 35.47
CA ILE A 190 -2.22 18.94 34.23
C ILE A 190 -3.42 18.44 33.40
N ALA A 191 -3.47 17.12 33.24
CA ALA A 191 -4.52 16.36 32.57
C ALA A 191 -5.91 16.57 33.18
N LYS A 192 -6.02 16.40 34.51
CA LYS A 192 -7.30 16.53 35.20
C LYS A 192 -7.80 17.97 35.22
N ASP A 193 -6.86 18.92 35.27
CA ASP A 193 -7.20 20.36 35.18
C ASP A 193 -7.64 20.77 33.80
N ALA A 194 -7.45 19.91 32.82
CA ALA A 194 -8.03 20.09 31.48
C ALA A 194 -9.36 19.32 31.28
N GLY A 195 -9.82 18.56 32.27
CA GLY A 195 -11.05 17.76 32.19
C GLY A 195 -10.87 16.32 31.73
N VAL A 196 -9.62 15.83 31.74
CA VAL A 196 -9.36 14.44 31.45
C VAL A 196 -9.97 13.58 32.59
N ARG A 197 -10.88 12.69 32.22
CA ARG A 197 -11.52 11.79 33.19
C ARG A 197 -10.48 10.82 33.75
N ASP A 198 -10.59 10.48 35.01
CA ASP A 198 -9.59 9.57 35.64
C ASP A 198 -9.35 8.26 34.83
N GLU A 199 -10.43 7.74 34.27
CA GLU A 199 -10.44 6.52 33.50
C GLU A 199 -9.81 6.63 32.13
N ASN A 200 -9.30 7.81 31.80
CA ASN A 200 -8.59 8.02 30.55
C ASN A 200 -7.13 8.33 30.79
N ILE A 201 -6.65 8.01 31.99
CA ILE A 201 -5.27 8.25 32.35
C ILE A 201 -4.55 6.87 32.50
N ILE A 202 -3.41 6.80 31.81
CA ILE A 202 -2.46 5.72 31.98
C ILE A 202 -1.10 6.34 32.31
N LEU A 203 -0.42 5.78 33.29
CA LEU A 203 0.95 6.19 33.62
C LEU A 203 2.02 5.25 33.04
N ASP A 204 3.23 5.80 32.89
CA ASP A 204 4.35 5.08 32.37
C ASP A 204 5.63 5.52 33.15
N PRO A 205 6.41 4.60 33.70
CA PRO A 205 7.63 5.04 34.45
C PRO A 205 8.76 5.61 33.54
N GLY A 206 8.59 5.56 32.24
CA GLY A 206 9.59 6.11 31.29
C GLY A 206 11.00 5.55 31.41
N ILE A 207 11.11 4.25 31.26
CA ILE A 207 12.43 3.59 31.41
C ILE A 207 13.31 4.08 30.25
N GLY A 208 14.51 4.62 30.51
CA GLY A 208 15.32 5.04 29.41
C GLY A 208 15.38 6.53 29.26
N PHE A 209 14.53 7.24 30.01
CA PHE A 209 14.30 8.68 29.82
C PHE A 209 14.77 9.40 31.09
N ALA A 210 15.88 10.13 31.00
CA ALA A 210 16.37 10.87 32.14
C ALA A 210 16.75 9.92 33.28
N LYS A 211 17.26 8.74 32.95
CA LYS A 211 17.73 7.80 33.98
C LYS A 211 18.99 7.11 33.54
N THR A 212 20.00 7.12 34.40
CA THR A 212 21.19 6.27 34.14
C THR A 212 20.79 4.76 33.97
N PRO A 213 21.67 3.94 33.36
CA PRO A 213 21.49 2.49 33.34
C PRO A 213 21.09 1.96 34.72
N GLU A 214 21.68 2.49 35.78
CA GLU A 214 21.45 2.04 37.17
C GLU A 214 20.07 2.51 37.72
N GLN A 215 19.70 3.75 37.43
CA GLN A 215 18.39 4.30 37.75
C GLN A 215 17.27 3.54 37.05
N ASN A 216 17.45 3.19 35.80
CA ASN A 216 16.53 2.28 35.09
C ASN A 216 16.29 0.94 35.79
N LEU A 217 17.33 0.33 36.33
CA LEU A 217 17.16 -0.94 37.05
C LEU A 217 16.50 -0.73 38.40
N GLU A 218 16.80 0.39 39.04
CA GLU A 218 16.15 0.78 40.28
C GLU A 218 14.64 1.06 40.12
N ALA A 219 14.23 1.64 39.00
CA ALA A 219 12.83 1.82 38.70
C ALA A 219 12.18 0.46 38.40
N MET A 220 12.82 -0.40 37.62
CA MET A 220 12.35 -1.77 37.50
C MET A 220 12.15 -2.49 38.84
N ARG A 221 13.14 -2.42 39.71
CA ARG A 221 13.13 -3.07 40.99
C ARG A 221 11.99 -2.57 41.91
N ASN A 222 11.45 -1.37 41.65
CA ASN A 222 10.48 -0.72 42.52
C ASN A 222 9.24 -0.25 41.80
N LEU A 223 9.00 -0.77 40.61
CA LEU A 223 7.79 -0.41 39.82
C LEU A 223 6.49 -0.59 40.56
N GLU A 224 6.44 -1.54 41.49
CA GLU A 224 5.17 -1.79 42.17
C GLU A 224 4.66 -0.52 42.92
N GLN A 225 5.53 0.47 43.13
CA GLN A 225 5.20 1.65 43.95
C GLN A 225 4.32 2.58 43.11
N LEU A 226 4.34 2.36 41.83
CA LEU A 226 3.63 3.17 40.93
C LEU A 226 2.11 2.90 41.01
N ASN A 227 1.75 1.75 41.54
CA ASN A 227 0.38 1.38 41.70
C ASN A 227 -0.37 2.16 42.77
N VAL A 228 0.32 2.81 43.71
CA VAL A 228 -0.39 3.59 44.71
C VAL A 228 -1.21 4.74 44.14
N LEU A 229 -0.79 5.27 42.98
CA LEU A 229 -1.52 6.37 42.31
C LEU A 229 -2.91 5.96 41.81
N GLY A 230 -3.15 4.67 41.60
CA GLY A 230 -4.48 4.12 41.26
C GLY A 230 -4.85 4.16 39.79
N TYR A 231 -3.86 4.16 38.90
CA TYR A 231 -4.13 4.17 37.46
C TYR A 231 -3.39 3.02 36.87
N PRO A 232 -3.85 2.49 35.72
CA PRO A 232 -3.14 1.46 34.95
C PRO A 232 -1.77 1.97 34.52
N VAL A 233 -0.84 1.05 34.42
CA VAL A 233 0.54 1.40 34.13
C VAL A 233 0.93 0.70 32.84
N LEU A 234 1.40 1.49 31.87
CA LEU A 234 2.15 0.91 30.76
C LEU A 234 3.68 0.80 30.98
N LEU A 235 4.31 -0.29 30.58
CA LEU A 235 5.76 -0.46 30.64
C LEU A 235 6.39 -0.64 29.27
N GLY A 236 7.47 0.08 28.99
CA GLY A 236 8.11 -0.03 27.70
C GLY A 236 9.63 -0.14 27.88
N THR A 237 10.17 -1.35 27.81
CA THR A 237 11.62 -1.62 28.02
C THR A 237 12.18 -2.24 26.75
N SER A 238 11.34 -2.40 25.71
CA SER A 238 11.71 -3.25 24.59
C SER A 238 13.07 -2.82 24.00
N ARG A 239 14.04 -3.68 24.08
CA ARG A 239 15.38 -3.46 23.48
C ARG A 239 16.20 -2.28 24.01
N LYS A 240 15.81 -1.64 25.10
CA LYS A 240 16.50 -0.41 25.52
C LYS A 240 17.92 -0.70 25.93
N SER A 241 18.73 0.36 25.92
CA SER A 241 20.13 0.15 26.10
C SER A 241 20.48 -0.26 27.51
N PHE A 242 19.57 -0.15 28.51
CA PHE A 242 19.92 -0.68 29.86
C PHE A 242 20.05 -2.22 29.92
N ILE A 243 19.29 -2.89 29.03
CA ILE A 243 19.42 -4.32 28.72
C ILE A 243 20.82 -4.61 28.15
N GLY A 244 21.31 -3.71 27.30
CA GLY A 244 22.61 -3.85 26.66
C GLY A 244 23.67 -3.55 27.67
N HIS A 245 23.42 -2.57 28.53
CA HIS A 245 24.30 -2.43 29.66
C HIS A 245 24.50 -3.70 30.50
N VAL A 246 23.40 -4.39 30.87
CA VAL A 246 23.49 -5.54 31.78
C VAL A 246 24.14 -6.72 31.04
N LEU A 247 23.59 -7.06 29.89
CA LEU A 247 23.99 -8.27 29.17
C LEU A 247 25.17 -8.09 28.22
N ASP A 248 25.49 -6.84 27.83
CA ASP A 248 26.61 -6.57 26.90
C ASP A 248 26.23 -7.14 25.52
N LEU A 249 25.08 -6.72 25.02
CA LEU A 249 24.56 -7.24 23.78
C LEU A 249 23.97 -6.11 22.93
N PRO A 250 24.16 -6.16 21.59
CA PRO A 250 23.56 -5.17 20.69
C PRO A 250 22.03 -5.24 20.50
N VAL A 251 21.46 -4.21 19.90
CA VAL A 251 20.01 -4.04 19.90
C VAL A 251 19.23 -5.28 19.46
N GLU A 252 19.80 -6.02 18.50
CA GLU A 252 19.08 -7.12 17.86
C GLU A 252 19.25 -8.41 18.65
N GLU A 253 20.08 -8.36 19.70
CA GLU A 253 20.33 -9.47 20.60
C GLU A 253 19.68 -9.27 21.99
N ARG A 254 18.54 -8.53 22.05
CA ARG A 254 17.97 -8.11 23.36
C ARG A 254 16.62 -8.73 23.77
N LEU A 255 16.20 -9.70 22.97
CA LEU A 255 14.99 -10.44 23.16
C LEU A 255 14.78 -11.04 24.56
N GLU A 256 15.74 -11.87 25.00
CA GLU A 256 15.75 -12.49 26.30
C GLU A 256 15.77 -11.43 27.38
N GLY A 257 16.66 -10.43 27.27
CA GLY A 257 16.72 -9.31 28.22
C GLY A 257 15.39 -8.60 28.34
N THR A 258 14.83 -8.16 27.21
CA THR A 258 13.41 -7.66 27.08
C THR A 258 12.33 -8.50 27.73
N GLY A 259 12.37 -9.82 27.52
CA GLY A 259 11.41 -10.75 28.10
C GLY A 259 11.49 -10.78 29.63
N ALA A 260 12.68 -10.61 30.16
CA ALA A 260 12.89 -10.49 31.60
C ALA A 260 12.28 -9.27 32.15
N THR A 261 12.38 -8.15 31.45
CA THR A 261 11.81 -6.93 31.99
C THR A 261 10.27 -6.92 31.91
N VAL A 262 9.72 -7.58 30.89
CA VAL A 262 8.22 -7.67 30.69
C VAL A 262 7.61 -8.56 31.73
N CYS A 263 8.21 -9.77 32.01
CA CYS A 263 7.79 -10.55 33.16
C CYS A 263 7.87 -9.90 34.53
N LEU A 264 9.00 -9.24 34.88
CA LEU A 264 9.12 -8.51 36.16
C LEU A 264 8.05 -7.40 36.21
N GLY A 265 7.87 -6.70 35.09
CA GLY A 265 6.86 -5.64 34.94
C GLY A 265 5.43 -6.13 35.20
N ILE A 266 5.05 -7.28 34.63
CA ILE A 266 3.73 -7.89 34.94
C ILE A 266 3.63 -8.45 36.39
N GLU A 267 4.65 -9.09 36.89
CA GLU A 267 4.63 -9.49 38.32
C GLU A 267 4.42 -8.27 39.22
N LYS A 268 4.85 -7.09 38.77
CA LYS A 268 4.77 -5.85 39.56
C LYS A 268 3.48 -5.01 39.30
N GLY A 269 2.60 -5.46 38.44
CA GLY A 269 1.31 -4.82 38.34
C GLY A 269 0.99 -4.05 37.09
N CYS A 270 1.88 -4.05 36.08
CA CYS A 270 1.55 -3.36 34.83
CA CYS A 270 1.52 -3.34 34.85
C CYS A 270 0.41 -4.05 34.08
N GLU A 271 -0.42 -3.21 33.42
CA GLU A 271 -1.54 -3.58 32.59
C GLU A 271 -1.12 -3.61 31.14
N PHE A 272 -0.12 -2.83 30.74
CA PHE A 272 0.40 -2.86 29.34
C PHE A 272 1.84 -3.05 29.25
N VAL A 273 2.27 -3.69 28.16
CA VAL A 273 3.62 -3.47 27.75
C VAL A 273 3.74 -3.09 26.29
N ARG A 274 4.78 -2.30 25.99
CA ARG A 274 5.00 -1.74 24.66
C ARG A 274 6.26 -2.39 24.13
N VAL A 275 6.12 -3.25 23.11
CA VAL A 275 7.16 -4.19 22.68
C VAL A 275 7.35 -4.17 21.18
N HIS A 276 8.57 -4.46 20.73
CA HIS A 276 8.80 -4.76 19.35
C HIS A 276 8.49 -6.20 19.00
N ASP A 277 8.93 -7.15 19.88
CA ASP A 277 8.85 -8.58 19.55
C ASP A 277 7.54 -9.11 20.09
N VAL A 278 6.50 -8.92 19.27
CA VAL A 278 5.14 -9.11 19.65
C VAL A 278 4.79 -10.58 19.88
N LYS A 279 5.06 -11.45 18.93
CA LYS A 279 4.83 -12.85 19.12
C LYS A 279 5.52 -13.42 20.36
N GLU A 280 6.82 -13.14 20.55
CA GLU A 280 7.51 -13.63 21.69
C GLU A 280 6.92 -13.12 23.02
N MET A 281 6.74 -11.80 23.12
CA MET A 281 6.34 -11.08 24.36
C MET A 281 4.89 -11.37 24.70
N SER A 282 4.08 -11.65 23.68
CA SER A 282 2.70 -12.17 23.91
C SER A 282 2.55 -13.53 24.57
N ARG A 283 3.35 -14.53 24.13
CA ARG A 283 3.54 -15.79 24.90
C ARG A 283 4.08 -15.66 26.32
N MET A 284 5.14 -14.87 26.53
CA MET A 284 5.59 -14.60 27.90
C MET A 284 4.49 -13.91 28.73
N ALA A 285 3.77 -12.94 28.14
CA ALA A 285 2.72 -12.24 28.86
C ALA A 285 1.64 -13.16 29.34
N LYS A 286 1.21 -14.08 28.47
CA LYS A 286 0.14 -15.00 28.69
C LYS A 286 0.48 -16.11 29.73
N MET A 287 1.75 -16.54 29.78
CA MET A 287 2.20 -17.49 30.77
C MET A 287 2.19 -16.82 32.14
N MET A 288 2.80 -15.64 32.21
CA MET A 288 2.80 -14.81 33.40
C MET A 288 1.42 -14.51 33.97
N ASP A 289 0.49 -14.08 33.11
CA ASP A 289 -0.94 -13.90 33.46
C ASP A 289 -1.49 -15.16 34.14
N ALA A 290 -1.18 -16.32 33.56
CA ALA A 290 -1.69 -17.57 34.11
C ALA A 290 -1.16 -17.81 35.50
N MET A 291 0.12 -17.51 35.72
CA MET A 291 0.76 -17.77 37.01
C MET A 291 0.38 -16.80 38.13
N ILE A 292 0.27 -15.51 37.83
CA ILE A 292 -0.08 -14.53 38.84
C ILE A 292 -1.61 -14.62 39.13
N GLY A 293 -2.39 -15.18 38.21
CA GLY A 293 -3.81 -15.33 38.40
C GLY A 293 -4.57 -14.19 37.76
N LYS A 294 -4.03 -13.59 36.70
CA LYS A 294 -4.68 -12.48 35.99
C LYS A 294 -5.68 -13.18 35.06
N GLY A 295 -6.97 -12.96 35.32
CA GLY A 295 -8.04 -13.38 34.40
C GLY A 295 -8.63 -14.75 34.66
N LYS B 22 -0.69 -24.05 -35.07
CA LYS B 22 -0.71 -22.76 -35.87
C LYS B 22 0.42 -21.72 -35.59
N TRP B 23 0.54 -21.12 -34.40
CA TRP B 23 1.74 -20.28 -34.16
C TRP B 23 2.98 -21.14 -33.88
N ASP B 24 4.08 -20.89 -34.60
CA ASP B 24 5.29 -21.72 -34.41
C ASP B 24 6.26 -21.21 -33.33
N TYR B 25 5.75 -20.35 -32.47
CA TYR B 25 6.51 -19.75 -31.39
C TYR B 25 5.56 -19.22 -30.33
N ASP B 26 6.07 -19.07 -29.11
CA ASP B 26 5.36 -18.48 -27.97
C ASP B 26 5.81 -17.06 -27.79
N LEU B 27 5.00 -16.24 -27.17
CA LEU B 27 5.38 -14.86 -26.89
C LEU B 27 6.24 -14.81 -25.64
N ARG B 28 7.52 -14.52 -25.81
CA ARG B 28 8.46 -14.55 -24.72
C ARG B 28 8.48 -13.25 -23.90
N CYS B 29 8.03 -13.34 -22.64
CA CYS B 29 7.91 -12.14 -21.81
C CYS B 29 8.78 -12.21 -20.58
N GLY B 30 10.09 -12.32 -20.80
CA GLY B 30 11.07 -12.30 -19.73
C GLY B 30 10.86 -13.54 -18.91
N GLU B 31 10.43 -13.30 -17.69
CA GLU B 31 10.10 -14.34 -16.73
C GLU B 31 8.89 -15.17 -17.15
N TYR B 32 8.02 -14.61 -17.99
CA TYR B 32 6.79 -15.29 -18.45
C TYR B 32 6.80 -15.67 -19.91
N THR B 33 6.01 -16.67 -20.26
CA THR B 33 5.84 -17.05 -21.64
C THR B 33 4.34 -17.12 -21.91
N LEU B 34 3.91 -16.61 -23.04
CA LEU B 34 2.49 -16.68 -23.40
C LEU B 34 2.31 -17.53 -24.66
N ASN B 35 1.63 -18.67 -24.50
CA ASN B 35 1.31 -19.54 -25.59
C ASN B 35 0.15 -18.92 -26.38
N LEU B 36 0.40 -18.72 -27.65
CA LEU B 36 -0.58 -18.15 -28.58
C LEU B 36 -1.55 -19.24 -29.07
N ASN B 37 -1.24 -20.53 -28.84
CA ASN B 37 -2.10 -21.57 -29.40
C ASN B 37 -3.17 -22.16 -28.52
N GLU B 38 -3.07 -21.97 -27.22
CA GLU B 38 -3.98 -22.68 -26.33
C GLU B 38 -5.28 -21.95 -26.00
N LYS B 39 -5.23 -20.64 -25.90
CA LYS B 39 -6.35 -19.87 -25.43
C LYS B 39 -6.26 -18.44 -25.96
N THR B 40 -7.39 -17.75 -26.04
CA THR B 40 -7.38 -16.31 -26.31
C THR B 40 -6.79 -15.73 -25.01
N LEU B 41 -5.85 -14.82 -25.15
CA LEU B 41 -5.20 -14.26 -23.99
C LEU B 41 -5.91 -12.97 -23.57
N ILE B 42 -6.20 -12.82 -22.29
CA ILE B 42 -6.98 -11.72 -21.81
C ILE B 42 -6.05 -10.64 -21.26
N MET B 43 -6.03 -9.44 -21.84
CA MET B 43 -5.35 -8.31 -21.24
C MET B 43 -6.33 -7.47 -20.39
N GLY B 44 -6.15 -7.49 -19.04
CA GLY B 44 -6.99 -6.73 -18.17
C GLY B 44 -6.54 -5.29 -18.12
N ILE B 45 -7.47 -4.33 -18.16
CA ILE B 45 -7.21 -2.87 -18.17
C ILE B 45 -7.18 -2.35 -16.75
N LEU B 46 -6.02 -1.85 -16.32
CA LEU B 46 -5.90 -1.22 -15.00
C LEU B 46 -6.66 0.14 -14.80
N ASN B 47 -7.44 0.20 -13.72
CA ASN B 47 -7.96 1.49 -13.18
C ASN B 47 -6.90 2.48 -12.70
N VAL B 48 -6.71 3.58 -13.45
CA VAL B 48 -5.70 4.60 -13.10
C VAL B 48 -6.30 5.86 -12.41
N THR B 49 -7.15 5.64 -11.40
CA THR B 49 -7.88 6.69 -10.62
C THR B 49 -6.99 7.63 -9.73
N PRO B 50 -6.50 8.78 -10.29
CA PRO B 50 -5.56 9.76 -9.65
C PRO B 50 -6.03 10.72 -8.50
N ASP B 51 -5.18 10.91 -7.47
CA ASP B 51 -5.39 11.90 -6.38
C ASP B 51 -6.65 11.68 -5.53
N SER B 54 -2.35 13.14 -4.87
CA SER B 54 -1.20 13.96 -5.25
C SER B 54 -0.83 13.74 -6.73
N ASP B 55 0.47 13.57 -7.02
CA ASP B 55 0.95 13.33 -8.40
C ASP B 55 2.15 12.36 -8.51
N GLY B 56 1.84 11.07 -8.68
CA GLY B 56 2.81 10.00 -8.52
C GLY B 56 2.45 9.14 -7.31
N GLY B 57 3.35 8.23 -6.95
CA GLY B 57 2.98 7.07 -6.17
C GLY B 57 2.55 7.21 -4.72
N SER B 58 1.37 7.80 -4.48
CA SER B 58 0.75 7.85 -3.13
C SER B 58 0.10 6.52 -2.85
N TYR B 59 -0.16 6.30 -1.57
CA TYR B 59 -0.63 5.02 -1.10
C TYR B 59 -2.01 4.66 -1.64
N ASN B 60 -2.90 5.69 -1.76
CA ASN B 60 -4.30 5.36 -2.08
C ASN B 60 -4.48 4.93 -3.53
N GLU B 61 -3.72 5.54 -4.45
CA GLU B 61 -3.81 5.14 -5.83
C GLU B 61 -3.04 3.87 -6.14
N VAL B 62 -1.85 3.69 -5.52
CA VAL B 62 -1.07 2.48 -5.86
C VAL B 62 -1.67 1.25 -5.16
N ASP B 63 -2.28 1.48 -4.01
CA ASP B 63 -2.96 0.41 -3.28
C ASP B 63 -4.22 -0.02 -4.03
N ALA B 64 -4.95 0.94 -4.60
CA ALA B 64 -6.13 0.69 -5.46
C ALA B 64 -5.80 -0.18 -6.65
N ALA B 65 -4.75 0.22 -7.34
CA ALA B 65 -4.23 -0.41 -8.53
C ALA B 65 -3.78 -1.85 -8.28
N VAL B 66 -3.09 -2.07 -7.16
CA VAL B 66 -2.61 -3.40 -6.75
C VAL B 66 -3.83 -4.33 -6.52
N ARG B 67 -4.78 -3.91 -5.66
CA ARG B 67 -6.00 -4.71 -5.45
C ARG B 67 -6.80 -4.91 -6.75
N HIS B 68 -6.72 -3.98 -7.69
CA HIS B 68 -7.47 -4.16 -8.93
C HIS B 68 -6.76 -5.18 -9.83
N ALA B 69 -5.43 -5.13 -9.87
CA ALA B 69 -4.68 -6.10 -10.66
C ALA B 69 -4.79 -7.48 -10.05
N LYS B 70 -4.87 -7.55 -8.72
CA LYS B 70 -5.15 -8.81 -8.02
C LYS B 70 -6.54 -9.37 -8.28
N GLU B 71 -7.57 -8.53 -8.27
CA GLU B 71 -8.91 -8.89 -8.76
C GLU B 71 -8.86 -9.51 -10.18
N MET B 72 -8.23 -8.83 -11.12
CA MET B 72 -8.21 -9.24 -12.51
C MET B 72 -7.45 -10.54 -12.71
N ARG B 73 -6.34 -10.71 -12.00
CA ARG B 73 -5.59 -11.97 -11.91
C ARG B 73 -6.42 -13.13 -11.40
N ASP B 74 -7.09 -12.95 -10.27
CA ASP B 74 -8.04 -13.95 -9.78
C ASP B 74 -9.22 -14.29 -10.73
N GLU B 75 -9.59 -13.37 -11.61
CA GLU B 75 -10.77 -13.57 -12.50
C GLU B 75 -10.41 -14.12 -13.87
N GLY B 76 -9.12 -14.18 -14.14
CA GLY B 76 -8.61 -14.81 -15.36
C GLY B 76 -7.79 -13.99 -16.35
N ALA B 77 -7.21 -12.88 -15.90
CA ALA B 77 -6.37 -12.05 -16.78
C ALA B 77 -4.99 -12.69 -16.94
N HIS B 78 -4.40 -12.56 -18.15
CA HIS B 78 -3.07 -13.13 -18.42
C HIS B 78 -2.04 -12.05 -18.52
N ILE B 79 -2.51 -10.80 -18.70
CA ILE B 79 -1.66 -9.63 -18.89
C ILE B 79 -2.41 -8.51 -18.22
N ILE B 80 -1.69 -7.65 -17.49
CA ILE B 80 -2.26 -6.43 -16.91
C ILE B 80 -1.69 -5.24 -17.72
N ASP B 81 -2.59 -4.41 -18.30
CA ASP B 81 -2.24 -3.15 -19.00
C ASP B 81 -2.34 -1.92 -18.08
N ILE B 82 -1.26 -1.13 -18.04
CA ILE B 82 -1.13 0.01 -17.14
C ILE B 82 -0.81 1.25 -18.00
N GLY B 83 -1.68 2.25 -17.95
CA GLY B 83 -1.47 3.50 -18.71
C GLY B 83 -1.60 4.71 -17.81
N GLY B 84 -0.81 5.76 -18.06
CA GLY B 84 -0.73 6.93 -17.16
C GLY B 84 -1.63 8.13 -17.47
N GLU B 85 -2.45 8.04 -18.55
CA GLU B 85 -3.32 9.14 -19.04
C GLU B 85 -2.47 10.30 -19.55
N VAL B 94 0.01 16.11 -19.91
CA VAL B 94 1.04 15.51 -19.07
C VAL B 94 2.36 15.30 -19.83
N SER B 95 3.47 15.72 -19.20
CA SER B 95 4.81 15.56 -19.79
C SER B 95 5.42 14.18 -19.51
N VAL B 96 6.54 13.87 -20.16
CA VAL B 96 7.35 12.68 -19.87
C VAL B 96 7.67 12.53 -18.37
N GLU B 97 7.98 13.64 -17.69
CA GLU B 97 8.27 13.66 -16.24
C GLU B 97 7.12 13.19 -15.38
N GLU B 98 5.95 13.80 -15.56
CA GLU B 98 4.77 13.52 -14.73
C GLU B 98 4.09 12.18 -15.05
N GLU B 99 4.31 11.66 -16.27
CA GLU B 99 3.83 10.33 -16.66
C GLU B 99 4.70 9.23 -16.05
N ILE B 100 6.02 9.45 -16.01
CA ILE B 100 6.95 8.49 -15.37
C ILE B 100 6.66 8.43 -13.89
N LYS B 101 6.65 9.60 -13.24
CA LYS B 101 6.35 9.78 -11.80
C LYS B 101 5.07 9.05 -11.37
N ARG B 102 4.09 9.04 -12.25
CA ARG B 102 2.77 8.46 -11.98
C ARG B 102 2.69 6.96 -12.31
N VAL B 103 3.43 6.52 -13.32
CA VAL B 103 3.30 5.15 -13.85
C VAL B 103 4.34 4.12 -13.36
N VAL B 104 5.58 4.54 -13.12
CA VAL B 104 6.66 3.69 -12.60
C VAL B 104 6.36 3.10 -11.20
N PRO B 105 5.84 3.93 -10.26
CA PRO B 105 5.35 3.38 -8.99
C PRO B 105 4.31 2.25 -9.10
N MET B 106 3.40 2.35 -10.04
CA MET B 106 2.39 1.32 -10.28
C MET B 106 2.99 0.04 -10.88
N ILE B 107 3.88 0.20 -11.87
CA ILE B 107 4.56 -0.95 -12.44
C ILE B 107 5.32 -1.70 -11.35
N GLN B 108 6.11 -0.96 -10.54
CA GLN B 108 6.93 -1.60 -9.50
C GLN B 108 6.10 -2.33 -8.50
N ALA B 109 5.02 -1.72 -8.02
CA ALA B 109 4.11 -2.35 -7.09
C ALA B 109 3.35 -3.53 -7.69
N VAL B 110 2.69 -3.35 -8.82
CA VAL B 110 1.99 -4.44 -9.49
C VAL B 110 2.93 -5.60 -9.85
N SER B 111 4.06 -5.29 -10.51
CA SER B 111 4.98 -6.34 -10.92
C SER B 111 5.58 -7.14 -9.80
N LYS B 112 5.76 -6.52 -8.63
CA LYS B 112 6.30 -7.23 -7.49
C LYS B 112 5.24 -8.13 -6.81
N GLU B 113 3.97 -7.80 -6.98
CA GLU B 113 2.88 -8.44 -6.23
C GLU B 113 1.87 -9.26 -7.05
N VAL B 114 1.80 -9.04 -8.36
CA VAL B 114 0.91 -9.85 -9.21
C VAL B 114 1.80 -10.50 -10.22
N LYS B 115 1.78 -11.85 -10.26
CA LYS B 115 2.70 -12.61 -11.12
C LYS B 115 2.17 -12.84 -12.55
N LEU B 116 2.05 -11.75 -13.31
CA LEU B 116 1.52 -11.74 -14.67
C LEU B 116 2.41 -10.77 -15.42
N PRO B 117 2.50 -10.91 -16.75
CA PRO B 117 3.15 -9.85 -17.49
C PRO B 117 2.36 -8.52 -17.54
N ILE B 118 3.10 -7.43 -17.60
CA ILE B 118 2.55 -6.10 -17.52
C ILE B 118 2.89 -5.48 -18.84
N SER B 119 1.89 -4.99 -19.55
CA SER B 119 2.18 -4.11 -20.66
C SER B 119 2.08 -2.69 -20.17
N ILE B 120 2.96 -1.82 -20.72
CA ILE B 120 2.86 -0.36 -20.53
C ILE B 120 2.26 0.35 -21.77
N ASP B 121 1.19 1.10 -21.54
CA ASP B 121 0.47 1.89 -22.50
C ASP B 121 1.10 3.28 -22.58
N THR B 122 1.79 3.55 -23.67
CA THR B 122 2.50 4.80 -23.90
C THR B 122 2.92 4.80 -25.38
N TYR B 123 3.01 5.99 -25.97
CA TYR B 123 3.61 6.19 -27.27
C TYR B 123 4.91 6.98 -27.25
N LYS B 124 5.40 7.28 -26.05
CA LYS B 124 6.62 8.05 -25.84
C LYS B 124 7.73 7.09 -25.45
N ALA B 125 8.83 7.16 -26.19
CA ALA B 125 10.00 6.29 -26.01
C ALA B 125 10.55 6.32 -24.61
N GLU B 126 10.63 7.51 -24.02
CA GLU B 126 11.23 7.66 -22.70
C GLU B 126 10.38 7.02 -21.59
N VAL B 127 9.07 7.20 -21.65
CA VAL B 127 8.14 6.47 -20.75
C VAL B 127 8.29 4.94 -20.85
N ALA B 128 8.31 4.39 -22.06
CA ALA B 128 8.56 2.96 -22.30
C ALA B 128 9.84 2.43 -21.69
N LYS B 129 10.95 3.13 -21.90
CA LYS B 129 12.24 2.74 -21.32
C LYS B 129 12.20 2.61 -19.78
N GLN B 130 11.68 3.63 -19.10
CA GLN B 130 11.56 3.58 -17.65
C GLN B 130 10.62 2.49 -17.16
N ALA B 131 9.49 2.34 -17.84
CA ALA B 131 8.51 1.33 -17.42
C ALA B 131 9.09 -0.08 -17.46
N ILE B 132 9.93 -0.35 -18.46
CA ILE B 132 10.61 -1.63 -18.68
C ILE B 132 11.62 -1.91 -17.54
N GLU B 133 12.42 -0.89 -17.20
CA GLU B 133 13.29 -0.90 -16.02
C GLU B 133 12.54 -1.15 -14.75
N ALA B 134 11.38 -0.49 -14.63
CA ALA B 134 10.52 -0.66 -13.46
C ALA B 134 9.82 -2.04 -13.44
N GLY B 135 9.75 -2.74 -14.59
CA GLY B 135 9.31 -4.12 -14.59
C GLY B 135 8.27 -4.53 -15.63
N ALA B 136 7.83 -3.63 -16.51
CA ALA B 136 6.94 -3.99 -17.61
C ALA B 136 7.57 -4.90 -18.66
N HIS B 137 6.79 -5.87 -19.17
CA HIS B 137 7.25 -6.83 -20.18
C HIS B 137 6.83 -6.55 -21.64
N ILE B 138 5.85 -5.68 -21.84
CA ILE B 138 5.27 -5.40 -23.17
C ILE B 138 5.03 -3.91 -23.31
N ILE B 139 5.24 -3.38 -24.52
CA ILE B 139 4.86 -2.01 -24.88
C ILE B 139 3.57 -2.02 -25.70
N ASN B 140 2.63 -1.20 -25.28
CA ASN B 140 1.35 -1.09 -25.88
C ASN B 140 1.24 0.30 -26.49
N ASP B 141 1.63 0.44 -27.74
CA ASP B 141 1.69 1.75 -28.37
C ASP B 141 0.45 2.05 -29.21
N ILE B 142 -0.35 3.02 -28.77
CA ILE B 142 -1.49 3.52 -29.59
C ILE B 142 -1.13 4.35 -30.89
N TRP B 143 0.11 4.84 -31.04
CA TRP B 143 0.53 5.45 -32.31
C TRP B 143 1.39 4.57 -33.17
N GLY B 144 1.54 3.31 -32.77
CA GLY B 144 2.21 2.33 -33.61
C GLY B 144 3.60 2.73 -34.07
N ALA B 145 4.37 3.29 -33.13
CA ALA B 145 5.74 3.74 -33.37
C ALA B 145 5.83 4.97 -34.30
N LYS B 146 4.71 5.65 -34.52
CA LYS B 146 4.67 6.79 -35.44
C LYS B 146 4.75 8.14 -34.74
N ALA B 147 4.35 8.22 -33.47
CA ALA B 147 4.45 9.47 -32.74
C ALA B 147 5.91 9.65 -32.34
N GLU B 148 6.52 8.58 -31.81
CA GLU B 148 7.93 8.61 -31.51
C GLU B 148 8.59 7.36 -32.01
N PRO B 149 9.13 7.37 -33.25
CA PRO B 149 9.80 6.18 -33.77
C PRO B 149 10.87 5.56 -32.85
N LYS B 150 11.40 6.35 -31.94
CA LYS B 150 12.44 5.93 -31.00
C LYS B 150 11.99 4.79 -30.10
N ILE B 151 10.69 4.74 -29.79
CA ILE B 151 10.05 3.67 -29.02
C ILE B 151 10.22 2.29 -29.69
N ALA B 152 10.35 2.24 -31.00
CA ALA B 152 10.76 1.00 -31.64
C ALA B 152 12.18 0.55 -31.26
N GLU B 153 13.09 1.51 -31.06
CA GLU B 153 14.48 1.25 -30.61
C GLU B 153 14.59 0.77 -29.17
N VAL B 154 13.75 1.34 -28.32
CA VAL B 154 13.56 0.86 -26.96
C VAL B 154 13.10 -0.60 -27.00
N ALA B 155 12.09 -0.89 -27.84
CA ALA B 155 11.57 -2.25 -28.03
C ALA B 155 12.67 -3.22 -28.45
N ALA B 156 13.33 -2.94 -29.57
CA ALA B 156 14.50 -3.71 -30.03
C ALA B 156 15.50 -4.02 -28.93
N HIS B 157 15.86 -3.00 -28.16
CA HIS B 157 16.93 -3.12 -27.20
C HIS B 157 16.61 -4.01 -26.01
N TYR B 158 15.44 -3.80 -25.39
CA TYR B 158 14.99 -4.69 -24.36
C TYR B 158 14.48 -6.03 -24.86
N ASP B 159 14.19 -6.15 -26.16
CA ASP B 159 13.74 -7.42 -26.76
C ASP B 159 12.35 -7.79 -26.20
N VAL B 160 11.47 -6.79 -26.08
CA VAL B 160 10.13 -6.97 -25.54
C VAL B 160 9.09 -6.97 -26.69
N PRO B 161 7.96 -7.65 -26.50
CA PRO B 161 6.89 -7.60 -27.51
C PRO B 161 6.32 -6.17 -27.53
N ILE B 162 6.00 -5.64 -28.70
CA ILE B 162 5.43 -4.30 -28.82
C ILE B 162 4.15 -4.42 -29.63
N ILE B 163 3.07 -3.83 -29.12
CA ILE B 163 1.77 -3.80 -29.82
C ILE B 163 1.66 -2.49 -30.64
N LEU B 164 1.49 -2.65 -31.94
CA LEU B 164 1.38 -1.57 -32.91
C LEU B 164 -0.07 -1.38 -33.26
N MET B 165 -0.69 -0.38 -32.69
CA MET B 165 -2.09 -0.17 -32.92
C MET B 165 -2.32 0.68 -34.15
N HIS B 166 -3.39 0.40 -34.92
CA HIS B 166 -3.81 1.31 -35.98
C HIS B 166 -4.38 2.63 -35.46
N ASN B 167 -3.92 3.73 -36.06
CA ASN B 167 -4.25 5.07 -35.65
C ASN B 167 -3.90 6.02 -36.81
N ARG B 168 -4.54 7.19 -36.88
CA ARG B 168 -4.17 8.17 -37.92
C ARG B 168 -4.75 9.51 -37.54
N ASP B 169 -4.37 10.55 -38.27
CA ASP B 169 -4.84 11.89 -37.88
C ASP B 169 -6.01 12.41 -38.71
N ASN B 170 -6.69 11.51 -39.39
CA ASN B 170 -7.81 11.90 -40.23
C ASN B 170 -8.66 10.67 -40.43
N MET B 171 -9.91 10.86 -40.81
CA MET B 171 -10.84 9.76 -41.02
C MET B 171 -11.18 9.66 -42.49
N ASN B 172 -10.17 9.97 -43.30
CA ASN B 172 -10.28 9.98 -44.73
C ASN B 172 -9.80 8.75 -45.43
N TYR B 173 -10.68 7.76 -45.54
CA TYR B 173 -10.26 6.49 -46.14
C TYR B 173 -10.72 6.27 -47.57
N ARG B 174 -9.86 5.68 -48.38
CA ARG B 174 -10.20 5.22 -49.73
C ARG B 174 -10.94 3.87 -49.68
N ASN B 175 -10.56 3.03 -48.71
CA ASN B 175 -11.09 1.70 -48.53
C ASN B 175 -10.58 1.37 -47.16
N LEU B 176 -11.42 1.52 -46.15
CA LEU B 176 -11.01 1.41 -44.76
C LEU B 176 -10.01 0.29 -44.47
N MET B 177 -10.39 -0.93 -44.81
CA MET B 177 -9.62 -2.06 -44.43
C MET B 177 -8.27 -2.16 -45.17
N ALA B 178 -8.25 -1.85 -46.45
CA ALA B 178 -7.00 -1.73 -47.22
C ALA B 178 -6.09 -0.62 -46.70
N ASP B 179 -6.66 0.54 -46.36
CA ASP B 179 -5.93 1.62 -45.75
C ASP B 179 -5.39 1.28 -44.37
N MET B 180 -6.17 0.60 -43.51
CA MET B 180 -5.66 0.10 -42.23
C MET B 180 -4.47 -0.85 -42.34
N ILE B 181 -4.57 -1.83 -43.21
CA ILE B 181 -3.49 -2.77 -43.45
C ILE B 181 -2.26 -1.99 -43.93
N ALA B 182 -2.43 -1.11 -44.92
CA ALA B 182 -1.34 -0.18 -45.35
C ALA B 182 -0.71 0.62 -44.21
N ASP B 183 -1.53 1.25 -43.36
CA ASP B 183 -1.03 1.95 -42.21
C ASP B 183 -0.36 1.00 -41.23
N LEU B 184 -0.89 -0.21 -41.05
CA LEU B 184 -0.28 -1.14 -40.04
C LEU B 184 1.06 -1.58 -40.58
N TYR B 185 1.16 -1.69 -41.92
CA TYR B 185 2.46 -1.99 -42.57
CA TYR B 185 2.45 -2.03 -42.53
C TYR B 185 3.55 -0.94 -42.37
N ASP B 186 3.16 0.34 -42.48
CA ASP B 186 4.05 1.48 -42.11
C ASP B 186 4.62 1.40 -40.69
N SER B 187 3.81 0.95 -39.74
CA SER B 187 4.25 0.76 -38.38
C SER B 187 5.27 -0.40 -38.29
N ILE B 188 4.93 -1.53 -38.93
CA ILE B 188 5.80 -2.73 -39.01
C ILE B 188 7.16 -2.43 -39.64
N LYS B 189 7.17 -1.70 -40.76
CA LYS B 189 8.42 -1.24 -41.36
C LYS B 189 9.27 -0.46 -40.34
N ILE B 190 8.66 0.48 -39.61
CA ILE B 190 9.39 1.27 -38.58
C ILE B 190 10.03 0.43 -37.47
N ALA B 191 9.25 -0.55 -36.97
CA ALA B 191 9.69 -1.50 -35.95
C ALA B 191 10.83 -2.39 -36.44
N LYS B 192 10.70 -2.97 -37.64
CA LYS B 192 11.67 -3.91 -38.13
C LYS B 192 13.00 -3.24 -38.48
N ASP B 193 12.90 -2.01 -38.99
CA ASP B 193 14.03 -1.14 -39.27
C ASP B 193 14.83 -0.83 -38.00
N ALA B 194 14.14 -0.60 -36.87
CA ALA B 194 14.82 -0.44 -35.56
C ALA B 194 15.38 -1.75 -35.02
N GLY B 195 15.06 -2.86 -35.67
CA GLY B 195 15.57 -4.18 -35.27
C GLY B 195 14.68 -4.98 -34.34
N VAL B 196 13.39 -4.62 -34.27
CA VAL B 196 12.37 -5.47 -33.65
C VAL B 196 12.16 -6.75 -34.47
N ARG B 197 12.20 -7.89 -33.81
CA ARG B 197 12.03 -9.20 -34.43
C ARG B 197 10.55 -9.48 -34.64
N ASP B 198 10.29 -10.19 -35.71
CA ASP B 198 8.98 -10.67 -36.02
C ASP B 198 8.21 -11.22 -34.81
N GLU B 199 8.85 -12.03 -33.98
CA GLU B 199 8.21 -12.73 -32.88
C GLU B 199 7.77 -11.78 -31.78
N ASN B 200 8.16 -10.52 -31.89
CA ASN B 200 7.82 -9.45 -30.97
C ASN B 200 6.87 -8.40 -31.51
N ILE B 201 6.28 -8.65 -32.67
CA ILE B 201 5.29 -7.76 -33.21
C ILE B 201 3.85 -8.30 -32.97
N ILE B 202 3.03 -7.42 -32.39
CA ILE B 202 1.61 -7.64 -32.23
C ILE B 202 0.85 -6.45 -32.93
N LEU B 203 -0.14 -6.73 -33.75
CA LEU B 203 -0.97 -5.68 -34.32
C LEU B 203 -2.31 -5.52 -33.63
N ASP B 204 -2.99 -4.39 -33.88
CA ASP B 204 -4.24 -4.01 -33.24
C ASP B 204 -4.94 -3.10 -34.25
N PRO B 205 -6.21 -3.37 -34.56
CA PRO B 205 -6.89 -2.53 -35.58
C PRO B 205 -7.33 -1.13 -35.06
N GLY B 206 -7.05 -0.82 -33.80
CA GLY B 206 -7.39 0.47 -33.25
C GLY B 206 -8.85 0.85 -33.33
N ILE B 207 -9.72 -0.01 -32.82
CA ILE B 207 -11.15 0.28 -32.84
C ILE B 207 -11.44 1.53 -32.00
N GLY B 208 -12.17 2.51 -32.56
CA GLY B 208 -12.45 3.71 -31.76
C GLY B 208 -11.43 4.80 -32.00
N PHE B 209 -10.49 4.55 -32.91
CA PHE B 209 -9.37 5.50 -33.15
C PHE B 209 -9.31 5.87 -34.61
N ALA B 210 -9.50 7.17 -34.84
CA ALA B 210 -9.64 7.75 -36.17
C ALA B 210 -10.65 6.98 -36.97
N LYS B 211 -11.84 6.74 -36.42
CA LYS B 211 -12.86 5.89 -37.12
C LYS B 211 -14.25 6.28 -36.68
N THR B 212 -15.19 6.40 -37.62
CA THR B 212 -16.55 6.75 -37.22
C THR B 212 -17.28 5.50 -36.65
N PRO B 213 -18.45 5.67 -35.97
CA PRO B 213 -19.15 4.49 -35.49
C PRO B 213 -19.39 3.42 -36.60
N GLU B 214 -19.66 3.84 -37.84
CA GLU B 214 -19.94 2.91 -38.89
C GLU B 214 -18.63 2.24 -39.35
N GLN B 215 -17.54 3.02 -39.40
CA GLN B 215 -16.23 2.49 -39.81
C GLN B 215 -15.72 1.49 -38.78
N ASN B 216 -16.06 1.70 -37.53
CA ASN B 216 -15.75 0.71 -36.47
C ASN B 216 -16.45 -0.64 -36.64
N LEU B 217 -17.71 -0.60 -37.07
CA LEU B 217 -18.54 -1.78 -37.34
C LEU B 217 -17.99 -2.52 -38.56
N GLU B 218 -17.58 -1.77 -39.57
CA GLU B 218 -16.97 -2.32 -40.77
C GLU B 218 -15.60 -2.97 -40.54
N ALA B 219 -14.76 -2.35 -39.71
CA ALA B 219 -13.49 -2.91 -39.31
C ALA B 219 -13.75 -4.21 -38.55
N MET B 220 -14.64 -4.21 -37.57
CA MET B 220 -15.08 -5.46 -36.94
C MET B 220 -15.62 -6.55 -37.88
N ARG B 221 -16.41 -6.16 -38.89
CA ARG B 221 -17.00 -7.15 -39.80
C ARG B 221 -15.91 -7.76 -40.71
N ASN B 222 -14.75 -7.09 -40.79
CA ASN B 222 -13.72 -7.46 -41.78
C ASN B 222 -12.37 -7.74 -41.12
N LEU B 223 -12.37 -8.00 -39.81
CA LEU B 223 -11.13 -8.15 -39.04
C LEU B 223 -10.19 -9.26 -39.47
N GLU B 224 -10.75 -10.31 -40.05
CA GLU B 224 -9.98 -11.48 -40.47
C GLU B 224 -8.91 -11.11 -41.51
N GLN B 225 -9.06 -9.95 -42.15
CA GLN B 225 -8.13 -9.55 -43.19
C GLN B 225 -6.82 -9.14 -42.57
N LEU B 226 -6.80 -8.80 -41.28
CA LEU B 226 -5.56 -8.44 -40.65
C LEU B 226 -4.69 -9.67 -40.52
N ASN B 227 -5.29 -10.87 -40.61
CA ASN B 227 -4.50 -12.11 -40.50
C ASN B 227 -3.50 -12.28 -41.64
N VAL B 228 -3.75 -11.73 -42.83
CA VAL B 228 -2.76 -11.83 -43.92
C VAL B 228 -1.39 -11.24 -43.56
N LEU B 229 -1.32 -10.40 -42.54
CA LEU B 229 -0.03 -9.77 -42.24
C LEU B 229 0.92 -10.76 -41.61
N GLY B 230 0.36 -11.80 -40.98
CA GLY B 230 1.12 -12.89 -40.39
C GLY B 230 1.60 -12.62 -38.96
N TYR B 231 1.00 -11.66 -38.26
CA TYR B 231 1.30 -11.39 -36.89
C TYR B 231 0.08 -11.62 -35.99
N PRO B 232 0.31 -11.83 -34.68
CA PRO B 232 -0.82 -11.84 -33.77
C PRO B 232 -1.50 -10.48 -33.70
N VAL B 233 -2.79 -10.54 -33.41
CA VAL B 233 -3.68 -9.40 -33.37
C VAL B 233 -4.34 -9.33 -32.01
N LEU B 234 -4.31 -8.16 -31.38
CA LEU B 234 -5.02 -7.88 -30.18
C LEU B 234 -6.30 -7.04 -30.49
N LEU B 235 -7.41 -7.35 -29.84
CA LEU B 235 -8.61 -6.56 -30.06
C LEU B 235 -8.99 -5.80 -28.82
N GLY B 236 -9.11 -4.49 -28.94
CA GLY B 236 -9.61 -3.67 -27.83
C GLY B 236 -10.92 -2.94 -28.16
N THR B 237 -12.04 -3.38 -27.61
CA THR B 237 -13.37 -2.79 -27.97
C THR B 237 -14.13 -2.44 -26.69
N SER B 238 -13.58 -2.89 -25.57
CA SER B 238 -14.24 -2.93 -24.28
C SER B 238 -14.88 -1.57 -23.93
N ARG B 239 -16.20 -1.56 -23.72
CA ARG B 239 -16.99 -0.37 -23.33
C ARG B 239 -16.89 0.84 -24.26
N LYS B 240 -16.49 0.63 -25.50
CA LYS B 240 -16.31 1.74 -26.43
C LYS B 240 -17.61 2.33 -26.94
N SER B 241 -17.47 3.59 -27.27
CA SER B 241 -18.47 4.42 -27.83
C SER B 241 -19.32 3.87 -28.96
N PHE B 242 -18.78 3.03 -29.84
CA PHE B 242 -19.57 2.48 -30.95
C PHE B 242 -20.60 1.41 -30.53
N ILE B 243 -20.37 0.76 -29.39
CA ILE B 243 -21.31 -0.13 -28.74
C ILE B 243 -22.47 0.69 -28.18
N GLY B 244 -22.14 1.79 -27.54
CA GLY B 244 -23.12 2.78 -27.10
C GLY B 244 -23.97 3.34 -28.22
N HIS B 245 -23.37 3.56 -29.38
CA HIS B 245 -24.17 4.07 -30.48
C HIS B 245 -25.15 3.03 -31.06
N VAL B 246 -24.71 1.76 -31.08
CA VAL B 246 -25.54 0.67 -31.58
C VAL B 246 -26.68 0.37 -30.58
N LEU B 247 -26.35 0.22 -29.29
CA LEU B 247 -27.32 -0.21 -28.26
C LEU B 247 -28.08 0.91 -27.61
N ASP B 248 -27.52 2.12 -27.68
CA ASP B 248 -28.01 3.34 -27.02
C ASP B 248 -27.98 3.16 -25.51
N LEU B 249 -26.79 2.84 -24.99
CA LEU B 249 -26.60 2.54 -23.59
C LEU B 249 -25.41 3.33 -23.08
N PRO B 250 -25.50 3.88 -21.84
CA PRO B 250 -24.32 4.55 -21.27
C PRO B 250 -23.15 3.60 -21.03
N VAL B 251 -21.97 4.16 -20.72
CA VAL B 251 -20.71 3.37 -20.66
C VAL B 251 -20.68 2.23 -19.63
N GLU B 252 -21.49 2.36 -18.58
CA GLU B 252 -21.52 1.30 -17.57
C GLU B 252 -22.52 0.18 -17.91
N GLU B 253 -23.25 0.30 -19.04
CA GLU B 253 -24.18 -0.73 -19.50
C GLU B 253 -23.71 -1.41 -20.81
N ARG B 254 -22.39 -1.52 -21.01
CA ARG B 254 -21.84 -2.02 -22.25
C ARG B 254 -21.17 -3.40 -22.20
N LEU B 255 -21.46 -4.17 -21.15
CA LEU B 255 -20.79 -5.42 -20.94
C LEU B 255 -21.17 -6.46 -22.00
N GLU B 256 -22.46 -6.57 -22.27
CA GLU B 256 -23.04 -7.45 -23.32
C GLU B 256 -22.62 -7.05 -24.70
N GLY B 257 -22.71 -5.77 -25.05
CA GLY B 257 -22.21 -5.33 -26.33
C GLY B 257 -20.74 -5.63 -26.50
N THR B 258 -19.96 -5.44 -25.44
CA THR B 258 -18.52 -5.83 -25.41
C THR B 258 -18.32 -7.31 -25.62
N GLY B 259 -19.03 -8.18 -24.91
CA GLY B 259 -18.90 -9.64 -25.14
C GLY B 259 -19.16 -10.06 -26.58
N ALA B 260 -20.11 -9.42 -27.27
CA ALA B 260 -20.38 -9.71 -28.68
C ALA B 260 -19.19 -9.39 -29.55
N THR B 261 -18.50 -8.27 -29.23
CA THR B 261 -17.37 -7.84 -30.09
C THR B 261 -16.14 -8.73 -29.81
N VAL B 262 -15.99 -9.19 -28.58
CA VAL B 262 -14.95 -10.16 -28.18
C VAL B 262 -15.19 -11.47 -28.84
N CYS B 263 -16.43 -11.96 -28.84
CA CYS B 263 -16.67 -13.27 -29.51
C CYS B 263 -16.44 -13.20 -30.99
N LEU B 264 -16.96 -12.14 -31.63
CA LEU B 264 -16.73 -11.94 -33.07
C LEU B 264 -15.25 -11.83 -33.35
N GLY B 265 -14.52 -11.11 -32.49
CA GLY B 265 -13.07 -10.88 -32.68
C GLY B 265 -12.28 -12.15 -32.63
N ILE B 266 -12.68 -13.06 -31.74
CA ILE B 266 -12.05 -14.40 -31.56
C ILE B 266 -12.36 -15.36 -32.70
N GLU B 267 -13.63 -15.42 -33.10
CA GLU B 267 -14.00 -16.07 -34.34
C GLU B 267 -13.19 -15.51 -35.55
N LYS B 268 -12.89 -14.24 -35.59
CA LYS B 268 -12.09 -13.73 -36.67
C LYS B 268 -10.56 -13.91 -36.53
N GLY B 269 -10.08 -14.56 -35.46
CA GLY B 269 -8.68 -14.94 -35.37
C GLY B 269 -7.83 -14.09 -34.46
N CYS B 270 -8.39 -13.22 -33.61
CA CYS B 270 -7.51 -12.45 -32.73
CA CYS B 270 -7.57 -12.45 -32.69
C CYS B 270 -6.93 -13.34 -31.61
N GLU B 271 -5.69 -13.02 -31.21
CA GLU B 271 -5.01 -13.79 -30.15
C GLU B 271 -5.20 -13.20 -28.80
N PHE B 272 -5.32 -11.87 -28.75
CA PHE B 272 -5.48 -11.17 -27.48
C PHE B 272 -6.73 -10.33 -27.49
N VAL B 273 -7.33 -10.18 -26.31
CA VAL B 273 -8.37 -9.16 -26.18
C VAL B 273 -8.13 -8.26 -25.00
N ARG B 274 -8.35 -6.94 -25.17
CA ARG B 274 -8.12 -5.96 -24.09
C ARG B 274 -9.45 -5.47 -23.50
N VAL B 275 -9.73 -5.78 -22.24
CA VAL B 275 -11.06 -5.76 -21.65
C VAL B 275 -11.10 -5.22 -20.20
N HIS B 276 -12.21 -4.56 -19.83
CA HIS B 276 -12.40 -4.15 -18.43
C HIS B 276 -13.02 -5.28 -17.61
N ASP B 277 -13.88 -6.09 -18.22
CA ASP B 277 -14.70 -7.03 -17.41
C ASP B 277 -14.08 -8.39 -17.59
N VAL B 278 -13.08 -8.69 -16.76
CA VAL B 278 -12.18 -9.79 -16.91
C VAL B 278 -12.89 -11.14 -16.63
N LYS B 279 -13.60 -11.25 -15.51
CA LYS B 279 -14.35 -12.45 -15.19
C LYS B 279 -15.30 -12.81 -16.36
N GLU B 280 -16.22 -11.91 -16.68
CA GLU B 280 -17.19 -12.11 -17.76
C GLU B 280 -16.56 -12.52 -19.12
N MET B 281 -15.53 -11.78 -19.54
CA MET B 281 -14.84 -11.96 -20.83
C MET B 281 -13.94 -13.17 -20.89
N SER B 282 -13.33 -13.53 -19.77
CA SER B 282 -12.68 -14.81 -19.66
C SER B 282 -13.59 -15.97 -19.93
N ARG B 283 -14.76 -16.03 -19.29
CA ARG B 283 -15.70 -17.12 -19.54
C ARG B 283 -16.17 -17.18 -20.99
N MET B 284 -16.46 -16.02 -21.59
CA MET B 284 -16.90 -16.00 -23.00
C MET B 284 -15.78 -16.42 -23.93
N ALA B 285 -14.55 -15.96 -23.64
CA ALA B 285 -13.38 -16.28 -24.47
C ALA B 285 -13.09 -17.75 -24.44
N LYS B 286 -13.24 -18.32 -23.28
CA LYS B 286 -13.06 -19.76 -23.07
C LYS B 286 -14.11 -20.64 -23.76
N MET B 287 -15.36 -20.16 -23.81
CA MET B 287 -16.42 -20.84 -24.56
C MET B 287 -16.15 -20.73 -26.04
N MET B 288 -15.83 -19.53 -26.53
CA MET B 288 -15.41 -19.34 -27.94
C MET B 288 -14.24 -20.29 -28.32
N ASP B 289 -13.15 -20.22 -27.55
CA ASP B 289 -11.97 -21.13 -27.78
C ASP B 289 -12.39 -22.57 -27.93
N ALA B 290 -13.24 -23.07 -27.05
CA ALA B 290 -13.78 -24.43 -27.24
C ALA B 290 -14.55 -24.64 -28.53
N MET B 291 -15.38 -23.67 -28.96
CA MET B 291 -16.23 -23.92 -30.11
C MET B 291 -15.45 -23.91 -31.41
N ILE B 292 -14.55 -22.91 -31.58
CA ILE B 292 -13.72 -22.78 -32.80
C ILE B 292 -12.50 -23.75 -32.82
N GLY B 293 -12.26 -24.46 -31.72
CA GLY B 293 -11.29 -25.55 -31.65
C GLY B 293 -9.87 -25.10 -31.31
N LYS B 294 -9.73 -23.99 -30.61
CA LYS B 294 -8.45 -23.58 -30.00
C LYS B 294 -8.14 -24.54 -28.84
O22 B54 C . 12.50 1.19 17.61
C21 B54 C . 11.55 1.91 17.25
O23 B54 C . 11.04 1.85 16.10
C18 B54 C . 11.08 2.96 18.22
C19 B54 C . 10.16 3.92 17.77
C20 B54 C . 9.74 4.93 18.64
C17 B54 C . 11.62 3.02 19.51
C16 B54 C . 11.18 4.03 20.36
C15 B54 C . 10.25 5.00 19.94
O14 B54 C . 9.85 6.00 20.83
C13 B54 C . 9.13 7.16 20.43
C12 B54 C . 8.42 7.70 21.66
C11 B54 C . 7.38 6.75 22.28
N10 B54 C . 8.02 5.74 23.10
C4 B54 C . 7.62 5.34 24.33
C5 B54 C . 8.51 4.51 25.18
N9 B54 C . 9.77 4.04 24.79
O24 B54 C . 10.39 4.44 23.82
C2 B54 C . 8.03 4.12 26.51
O8 B54 C . 8.76 3.39 27.22
N2 B54 C . 6.79 4.50 26.88
C1 B54 C . 6.02 5.26 26.09
N1 B54 C . 6.43 5.65 24.87
N7 B54 C . 4.82 5.69 26.50
S SO4 D . -5.84 -9.25 6.18
O1 SO4 D . -5.86 -7.81 6.39
O2 SO4 D . -5.36 -10.05 7.31
O3 SO4 D . -7.17 -9.81 5.93
O4 SO4 D . -4.88 -9.40 5.09
S SO4 E . 12.25 -5.33 13.63
O1 SO4 E . 13.53 -4.60 13.61
O2 SO4 E . 11.48 -5.03 14.85
O3 SO4 E . 11.41 -4.90 12.52
O4 SO4 E . 12.46 -6.78 13.52
S SO4 F . 22.79 1.33 22.67
O1 SO4 F . 22.57 2.72 23.11
O2 SO4 F . 23.45 0.59 23.75
O3 SO4 F . 21.51 0.70 22.30
O4 SO4 F . 23.68 1.39 21.52
S SO4 G . 0.82 -18.64 19.08
O1 SO4 G . 1.87 -17.84 19.72
O2 SO4 G . 0.13 -19.47 20.08
O3 SO4 G . -0.15 -17.73 18.49
O4 SO4 G . 1.40 -19.48 18.03
O22 B54 H . -6.33 9.47 -27.85
C21 B54 H . -7.29 8.74 -27.48
O23 B54 H . -8.42 8.72 -28.03
C18 B54 H . -7.04 7.79 -26.36
C19 B54 H . -8.01 6.89 -25.91
C20 B54 H . -7.65 6.02 -24.86
C17 B54 H . -5.76 7.86 -25.80
C16 B54 H . -5.41 7.01 -24.76
C15 B54 H . -6.34 6.09 -24.30
O14 B54 H . -5.95 5.27 -23.25
C13 B54 H . -5.71 3.89 -23.46
C12 B54 H . -4.58 3.73 -24.47
C11 B54 H . -4.53 2.23 -24.69
N10 B54 H . -5.81 1.83 -25.28
C4 B54 H . -5.84 0.89 -26.23
C5 B54 H . -7.10 0.58 -26.91
N9 B54 H . -8.35 1.12 -26.63
O24 B54 H . -8.51 2.02 -25.82
C2 B54 H . -7.04 -0.47 -27.91
O8 B54 H . -8.13 -0.76 -28.39
N2 B54 H . -5.89 -1.10 -28.16
C1 B54 H . -4.74 -0.76 -27.59
N1 B54 H . -4.74 0.21 -26.62
N7 B54 H . -3.58 -1.39 -27.96
S SO4 I . -15.13 -1.08 -13.12
O1 SO4 I . -15.70 0.22 -13.49
O2 SO4 I . -14.33 -0.93 -11.89
O3 SO4 I . -16.20 -2.09 -12.94
O4 SO4 I . -14.18 -1.48 -14.17
S SO4 J . -2.26 -12.15 -2.93
O1 SO4 J . -2.44 -11.26 -1.78
O2 SO4 J . -3.62 -12.36 -3.42
O3 SO4 J . -1.33 -11.50 -3.86
O4 SO4 J . -1.71 -13.47 -2.59
S SO4 K . -19.62 7.79 -25.22
O1 SO4 K . -19.82 8.78 -24.17
O2 SO4 K . -18.80 6.67 -24.72
O3 SO4 K . -20.94 7.28 -25.65
O4 SO4 K . -18.92 8.49 -26.31
S SO4 L . -14.78 -18.72 -13.09
O1 SO4 L . -15.56 -17.49 -13.27
O2 SO4 L . -15.45 -19.59 -12.11
O3 SO4 L . -14.70 -19.46 -14.36
O4 SO4 L . -13.46 -18.32 -12.64
#